data_4LXT
#
_entry.id   4LXT
#
_cell.length_a   96.775
_cell.length_b   65.148
_cell.length_c   134.718
_cell.angle_alpha   90.00
_cell.angle_beta   110.51
_cell.angle_gamma   90.00
#
_symmetry.space_group_name_H-M   'C 1 2 1'
#
loop_
_entity.id
_entity.type
_entity.pdbx_description
1 polymer 'WlaRD, a sugar 3N-formyl transferase'
2 non-polymer 'N-{[4-({[(6R)-2-amino-5-formyl-4-oxo-1,4,5,6,7,8-hexahydropteridin-6-yl]methyl}amino)phenyl]carbonyl}-L-glutamic acid'
3 non-polymer '3[N-MORPHOLINO]PROPANE SULFONIC ACID'
4 non-polymer '[(3R,4S,5S,6R)-4-amino-3,5-dihydroxy-6-methyloxan-2-yl][hydroxy-[[(2R,3S,5R)-3-hydroxy-5-(5-methyl-2,4-dioxopyrimidin-1-yl)oxolan-2-yl]methoxy]phosphoryl] hydrogen phosphate'
5 non-polymer 1,2-ETHANEDIOL
6 non-polymer 'CHLORIDE ION'
7 water water
#
_entity_poly.entity_id   1
_entity_poly.type   'polypeptide(L)'
_entity_poly.pdbx_seq_one_letter_code
;GHMIKICIAGKNNIAVNSLQFILKNYFEADQIVVIPNKNDKGIDSWQKSLLKFALDNNIKIVTLDEIYNIEQIIFFSLEF
DQIIKIENFKSDRLFNIHFSALPKYKGVFTSITPILNNELESGVTLHRIDNGIDTGNIIDQHCFPIDINDTARDLYFNYL
KYGESIFKKNIQTIINNSYKDLKQTNINSSYFSRKDINLVHKINFKKTSFEIHNQIRAFIFQEYQLPIINNSKIIKSILA
NEFIGYNVFEEFENYFIISGIDGFKIIAQKLNKL
;
_entity_poly.pdbx_strand_id   A,B
#
# COMPACT_ATOMS: atom_id res chain seq x y z
N GLY A 1 21.57 34.44 -25.38
CA GLY A 1 22.73 33.52 -25.64
C GLY A 1 22.57 32.63 -26.87
N HIS A 2 22.43 31.33 -26.63
CA HIS A 2 22.47 30.33 -27.71
C HIS A 2 21.21 30.42 -28.58
N MET A 3 21.32 30.05 -29.85
CA MET A 3 20.15 29.83 -30.71
C MET A 3 19.17 28.84 -30.07
N ILE A 4 19.71 27.72 -29.59
CA ILE A 4 18.91 26.63 -29.00
CA ILE A 4 18.85 26.68 -29.03
C ILE A 4 18.41 27.05 -27.62
N LYS A 5 17.09 27.05 -27.41
CA LYS A 5 16.47 27.45 -26.15
CA LYS A 5 16.46 27.44 -26.16
C LYS A 5 15.96 26.25 -25.34
N ILE A 6 15.57 25.15 -26.02
CA ILE A 6 14.84 24.06 -25.34
C ILE A 6 15.18 22.75 -26.02
N CYS A 7 15.30 21.74 -25.17
CA CYS A 7 15.38 20.36 -25.64
C CYS A 7 14.19 19.55 -25.08
N ILE A 8 13.42 18.93 -25.98
CA ILE A 8 12.36 17.99 -25.56
C ILE A 8 12.93 16.60 -25.77
N ALA A 9 12.96 15.82 -24.68
CA ALA A 9 13.52 14.46 -24.68
C ALA A 9 12.44 13.48 -24.21
N GLY A 10 12.22 12.42 -24.98
CA GLY A 10 11.18 11.46 -24.56
C GLY A 10 10.39 10.90 -25.69
N LYS A 11 9.14 10.59 -25.38
CA LYS A 11 8.31 9.80 -26.32
C LYS A 11 6.85 9.98 -26.09
N ASN A 12 6.12 9.43 -27.07
CA ASN A 12 4.65 9.23 -27.00
C ASN A 12 3.85 10.54 -27.13
N ASN A 13 2.54 10.51 -27.00
CA ASN A 13 1.74 11.66 -27.37
C ASN A 13 1.99 12.81 -26.41
N ILE A 14 2.40 12.54 -25.16
CA ILE A 14 2.72 13.65 -24.28
C ILE A 14 3.92 14.45 -24.82
N ALA A 15 4.98 13.80 -25.30
CA ALA A 15 6.14 14.52 -25.86
C ALA A 15 5.77 15.17 -27.17
N VAL A 16 5.08 14.46 -28.06
CA VAL A 16 4.75 15.04 -29.36
C VAL A 16 3.83 16.24 -29.20
N ASN A 17 2.78 16.14 -28.39
CA ASN A 17 1.82 17.20 -28.29
C ASN A 17 2.40 18.38 -27.50
N SER A 18 3.29 18.13 -26.55
CA SER A 18 3.94 19.22 -25.82
C SER A 18 4.91 19.93 -26.76
N LEU A 19 5.64 19.21 -27.59
CA LEU A 19 6.52 19.81 -28.60
C LEU A 19 5.72 20.62 -29.60
N GLN A 20 4.59 20.10 -30.07
CA GLN A 20 3.73 20.87 -30.97
C GLN A 20 3.26 22.15 -30.32
N PHE A 21 2.99 22.12 -29.02
CA PHE A 21 2.47 23.30 -28.31
C PHE A 21 3.60 24.34 -28.24
N ILE A 22 4.82 23.94 -27.93
CA ILE A 22 5.91 24.91 -27.93
CA ILE A 22 5.89 24.91 -27.91
C ILE A 22 6.16 25.49 -29.30
N LEU A 23 6.12 24.67 -30.36
CA LEU A 23 6.39 25.14 -31.72
C LEU A 23 5.29 26.12 -32.13
N LYS A 24 4.05 25.88 -31.74
CA LYS A 24 2.95 26.77 -32.12
C LYS A 24 2.99 28.09 -31.37
N ASN A 25 3.48 28.11 -30.13
CA ASN A 25 3.19 29.18 -29.18
C ASN A 25 4.42 29.92 -28.65
N TYR A 26 5.58 29.27 -28.65
CA TYR A 26 6.74 29.80 -27.94
C TYR A 26 8.03 29.93 -28.73
N PHE A 27 8.48 28.86 -29.37
CA PHE A 27 9.78 28.73 -30.02
C PHE A 27 9.67 28.21 -31.45
N GLU A 28 10.54 28.68 -32.33
CA GLU A 28 10.62 28.24 -33.72
C GLU A 28 11.47 26.97 -33.74
N ALA A 29 11.41 26.22 -34.84
CA ALA A 29 12.21 25.02 -35.03
C ALA A 29 13.67 25.14 -34.73
N ASP A 30 14.27 26.25 -35.16
CA ASP A 30 15.70 26.43 -35.01
C ASP A 30 16.11 26.66 -33.54
N GLN A 31 15.13 26.92 -32.69
CA GLN A 31 15.38 27.14 -31.25
C GLN A 31 15.15 25.85 -30.41
N ILE A 32 14.79 24.76 -31.07
CA ILE A 32 14.43 23.51 -30.35
C ILE A 32 15.29 22.38 -30.84
N VAL A 33 15.68 21.46 -29.94
CA VAL A 33 16.32 20.21 -30.36
C VAL A 33 15.55 19.10 -29.61
N VAL A 34 15.63 17.88 -30.17
CA VAL A 34 14.88 16.74 -29.60
C VAL A 34 15.79 15.55 -29.40
N ILE A 35 15.57 14.83 -28.28
CA ILE A 35 16.25 13.54 -28.05
C ILE A 35 15.16 12.45 -27.89
N PRO A 36 14.91 11.67 -28.96
CA PRO A 36 13.92 10.59 -28.82
C PRO A 36 14.52 9.48 -27.96
N ASN A 37 13.60 8.64 -27.52
CA ASN A 37 14.03 7.43 -26.83
C ASN A 37 14.70 6.47 -27.81
N LYS A 38 15.49 5.59 -27.23
CA LYS A 38 16.28 4.65 -28.05
C LYS A 38 15.36 3.78 -28.93
N ASN A 39 14.18 3.45 -28.43
CA ASN A 39 13.25 2.58 -29.14
C ASN A 39 12.34 3.27 -30.17
N ASP A 40 12.53 4.57 -30.38
CA ASP A 40 11.61 5.28 -31.29
C ASP A 40 11.95 4.81 -32.71
N LYS A 41 10.94 4.24 -33.36
CA LYS A 41 11.22 3.72 -34.71
C LYS A 41 10.99 4.71 -35.83
N GLY A 42 10.54 5.93 -35.51
CA GLY A 42 10.48 6.89 -36.58
C GLY A 42 9.20 6.74 -37.39
N ILE A 43 8.23 5.99 -36.88
CA ILE A 43 6.91 5.81 -37.47
C ILE A 43 5.88 5.94 -36.37
N ASP A 44 4.66 6.33 -36.68
CA ASP A 44 3.58 6.29 -35.72
C ASP A 44 3.05 4.88 -35.48
N SER A 45 2.68 4.59 -34.25
CA SER A 45 2.18 3.27 -33.85
C SER A 45 0.93 3.57 -33.05
N TRP A 46 0.73 2.92 -31.89
CA TRP A 46 -0.43 3.30 -31.08
C TRP A 46 -0.21 4.62 -30.27
N GLN A 47 1.04 5.09 -30.33
CA GLN A 47 1.34 6.50 -30.01
C GLN A 47 2.12 7.07 -31.18
N LYS A 48 2.11 8.40 -31.27
CA LYS A 48 2.93 9.07 -32.27
C LYS A 48 4.43 9.06 -31.95
N SER A 49 5.23 9.07 -32.99
CA SER A 49 6.68 9.13 -32.90
C SER A 49 7.22 10.55 -32.73
N LEU A 50 7.99 10.75 -31.64
CA LEU A 50 8.67 12.03 -31.47
C LEU A 50 9.71 12.27 -32.53
N LEU A 51 10.48 11.24 -32.84
CA LEU A 51 11.46 11.35 -33.90
C LEU A 51 10.82 11.78 -35.24
N LYS A 52 9.72 11.16 -35.63
CA LYS A 52 9.04 11.53 -36.88
C LYS A 52 8.54 12.95 -36.82
N PHE A 53 7.90 13.36 -35.73
CA PHE A 53 7.38 14.71 -35.67
C PHE A 53 8.54 15.70 -35.80
N ALA A 54 9.63 15.49 -35.11
CA ALA A 54 10.72 16.46 -35.17
C ALA A 54 11.27 16.51 -36.59
N LEU A 55 11.48 15.39 -37.24
CA LEU A 55 12.04 15.41 -38.59
C LEU A 55 11.07 16.07 -39.55
N ASP A 56 9.77 15.82 -39.38
CA ASP A 56 8.76 16.39 -40.27
C ASP A 56 8.74 17.92 -40.13
N ASN A 57 9.09 18.46 -38.95
CA ASN A 57 9.04 19.89 -38.65
C ASN A 57 10.41 20.57 -38.60
N ASN A 58 11.40 19.93 -39.17
CA ASN A 58 12.71 20.51 -39.34
CA ASN A 58 12.76 20.43 -39.33
C ASN A 58 13.41 20.80 -38.02
N ILE A 59 13.16 19.99 -37.01
CA ILE A 59 13.82 20.14 -35.69
C ILE A 59 14.97 19.15 -35.60
N LYS A 60 16.17 19.57 -35.17
CA LYS A 60 17.30 18.67 -35.14
C LYS A 60 17.21 17.60 -34.06
N ILE A 61 17.65 16.39 -34.41
CA ILE A 61 17.74 15.27 -33.50
C ILE A 61 19.14 15.31 -32.95
N VAL A 62 19.23 15.33 -31.62
CA VAL A 62 20.54 15.47 -30.96
C VAL A 62 20.75 14.36 -29.93
N THR A 63 21.95 14.27 -29.36
CA THR A 63 22.29 13.40 -28.24
C THR A 63 22.47 14.28 -27.01
N LEU A 64 22.45 13.64 -25.84
CA LEU A 64 22.75 14.35 -24.60
C LEU A 64 24.12 15.05 -24.68
N ASP A 65 25.10 14.35 -25.20
CA ASP A 65 26.45 14.93 -25.29
C ASP A 65 26.42 16.27 -26.03
N GLU A 66 25.51 16.40 -27.00
CA GLU A 66 25.45 17.60 -27.85
C GLU A 66 24.79 18.80 -27.21
N ILE A 67 24.14 18.61 -26.06
CA ILE A 67 23.45 19.69 -25.42
C ILE A 67 24.08 20.05 -24.05
N TYR A 68 24.96 19.22 -23.51
CA TYR A 68 25.51 19.51 -22.18
C TYR A 68 26.09 20.92 -22.06
N ASN A 69 26.71 21.41 -23.13
CA ASN A 69 27.42 22.70 -23.03
C ASN A 69 26.60 23.87 -23.50
N ILE A 70 25.32 23.71 -23.77
CA ILE A 70 24.51 24.83 -24.21
C ILE A 70 24.03 25.59 -22.98
N GLU A 71 24.54 26.80 -22.82
CA GLU A 71 24.19 27.62 -21.71
C GLU A 71 22.70 27.93 -21.70
N GLN A 72 22.14 27.81 -20.50
CA GLN A 72 20.78 28.20 -20.23
C GLN A 72 19.69 27.39 -20.98
N ILE A 73 20.07 26.27 -21.55
CA ILE A 73 19.05 25.46 -22.25
C ILE A 73 18.02 24.94 -21.25
N ILE A 74 16.78 24.89 -21.67
CA ILE A 74 15.74 24.19 -20.89
C ILE A 74 15.73 22.75 -21.33
N PHE A 75 15.99 21.85 -20.39
CA PHE A 75 15.91 20.41 -20.72
C PHE A 75 14.61 19.89 -20.13
N PHE A 76 13.73 19.35 -20.97
CA PHE A 76 12.44 18.87 -20.50
C PHE A 76 12.24 17.41 -20.92
N SER A 77 12.23 16.52 -19.93
CA SER A 77 11.95 15.08 -20.10
CA SER A 77 11.95 15.11 -20.18
C SER A 77 10.47 14.79 -20.01
N LEU A 78 9.96 14.09 -21.04
CA LEU A 78 8.56 13.65 -21.10
C LEU A 78 8.64 12.16 -21.51
N GLU A 79 8.67 11.30 -20.49
CA GLU A 79 8.83 9.86 -20.68
C GLU A 79 10.16 9.50 -21.31
N PHE A 80 11.23 10.26 -20.98
CA PHE A 80 12.58 9.97 -21.46
C PHE A 80 13.17 8.73 -20.79
N ASP A 81 13.96 8.00 -21.57
CA ASP A 81 14.44 6.67 -21.18
C ASP A 81 15.80 6.69 -20.49
N GLN A 82 16.47 7.84 -20.42
CA GLN A 82 17.82 7.90 -19.83
C GLN A 82 17.83 8.67 -18.53
N ILE A 83 18.52 8.14 -17.52
CA ILE A 83 18.73 8.84 -16.25
C ILE A 83 19.94 9.78 -16.45
N ILE A 84 19.67 11.05 -16.28
CA ILE A 84 20.73 12.05 -16.52
C ILE A 84 21.49 12.31 -15.23
N LYS A 85 22.69 12.85 -15.45
CA LYS A 85 23.55 13.33 -14.34
C LYS A 85 23.69 14.85 -14.44
N ILE A 86 23.23 15.54 -13.40
CA ILE A 86 23.04 16.98 -13.52
C ILE A 86 24.37 17.70 -13.72
N GLU A 87 25.48 17.14 -13.23
CA GLU A 87 26.75 17.87 -13.33
C GLU A 87 27.31 17.80 -14.73
N ASN A 88 26.74 16.99 -15.63
CA ASN A 88 27.14 17.05 -17.01
C ASN A 88 26.72 18.38 -17.65
N PHE A 89 25.69 19.03 -17.16
CA PHE A 89 25.05 20.16 -17.86
C PHE A 89 25.60 21.48 -17.31
N LYS A 90 25.86 22.43 -18.20
CA LYS A 90 26.05 23.83 -17.75
C LYS A 90 24.79 24.39 -17.16
N SER A 91 23.66 24.12 -17.84
CA SER A 91 22.36 24.61 -17.37
C SER A 91 21.86 23.82 -16.17
N ASP A 92 21.18 24.52 -15.28
CA ASP A 92 20.44 23.95 -14.16
C ASP A 92 18.93 23.92 -14.43
N ARG A 93 18.48 24.13 -15.67
CA ARG A 93 17.07 24.24 -15.97
C ARG A 93 16.60 22.88 -16.50
N LEU A 94 16.50 21.92 -15.59
CA LEU A 94 16.23 20.50 -15.95
C LEU A 94 14.92 20.05 -15.32
N PHE A 95 13.98 19.57 -16.12
CA PHE A 95 12.61 19.35 -15.65
C PHE A 95 12.06 18.04 -16.21
N ASN A 96 11.10 17.48 -15.45
CA ASN A 96 10.48 16.19 -15.87
C ASN A 96 9.03 16.24 -15.43
N ILE A 97 8.19 15.53 -16.19
CA ILE A 97 6.85 15.19 -15.70
C ILE A 97 6.84 13.65 -15.44
N HIS A 98 6.57 13.33 -14.19
CA HIS A 98 6.52 11.94 -13.74
C HIS A 98 5.08 11.51 -13.58
N PHE A 99 4.81 10.30 -14.08
CA PHE A 99 3.44 9.76 -14.02
C PHE A 99 3.14 9.06 -12.67
N SER A 100 3.14 9.84 -11.59
CA SER A 100 2.53 9.40 -10.33
C SER A 100 2.29 10.64 -9.49
N ALA A 101 1.58 10.45 -8.39
CA ALA A 101 1.43 11.50 -7.37
C ALA A 101 2.61 11.37 -6.41
N LEU A 102 3.73 11.97 -6.77
CA LEU A 102 4.95 11.92 -5.90
C LEU A 102 4.57 12.55 -4.57
N PRO A 103 5.15 12.04 -3.47
CA PRO A 103 6.31 11.17 -3.47
C PRO A 103 6.06 9.67 -3.70
N LYS A 104 4.79 9.25 -3.84
CA LYS A 104 4.52 7.84 -4.10
C LYS A 104 4.90 7.41 -5.51
N TYR A 105 5.32 6.17 -5.67
CA TYR A 105 5.45 5.49 -6.99
C TYR A 105 6.50 6.20 -7.85
N LYS A 106 7.64 6.49 -7.23
CA LYS A 106 8.88 6.71 -7.98
C LYS A 106 9.23 5.44 -8.78
N GLY A 107 10.06 5.57 -9.81
CA GLY A 107 10.60 4.42 -10.55
C GLY A 107 9.79 4.18 -11.81
N VAL A 108 9.44 2.92 -12.07
CA VAL A 108 8.92 2.49 -13.38
C VAL A 108 7.56 1.82 -13.20
N PHE A 109 6.96 1.50 -14.35
CA PHE A 109 5.67 0.76 -14.35
C PHE A 109 4.60 1.45 -13.56
N THR A 110 4.49 2.76 -13.67
CA THR A 110 3.61 3.47 -12.82
C THR A 110 2.12 3.44 -13.18
N SER A 111 1.78 2.81 -14.31
CA SER A 111 0.40 2.43 -14.61
C SER A 111 0.01 1.11 -13.95
N ILE A 112 0.99 0.34 -13.49
CA ILE A 112 0.71 -0.93 -12.79
C ILE A 112 0.77 -0.71 -11.27
N THR A 113 1.84 -0.07 -10.80
CA THR A 113 2.10 -0.11 -9.36
C THR A 113 1.03 0.55 -8.48
N PRO A 114 0.40 1.66 -8.83
CA PRO A 114 -0.62 2.19 -7.95
C PRO A 114 -1.84 1.26 -7.87
N ILE A 115 -2.20 0.63 -8.99
CA ILE A 115 -3.39 -0.23 -9.00
C ILE A 115 -3.10 -1.47 -8.17
N LEU A 116 -1.94 -2.04 -8.38
CA LEU A 116 -1.52 -3.28 -7.70
C LEU A 116 -1.42 -3.04 -6.20
N ASN A 117 -1.17 -1.78 -5.79
CA ASN A 117 -1.09 -1.43 -4.38
C ASN A 117 -2.33 -0.79 -3.87
N ASN A 118 -3.43 -1.03 -4.59
CA ASN A 118 -4.76 -0.72 -4.01
C ASN A 118 -5.12 0.75 -3.90
N GLU A 119 -4.49 1.59 -4.73
CA GLU A 119 -4.83 2.99 -4.69
C GLU A 119 -6.15 3.38 -5.33
N LEU A 120 -6.78 4.44 -4.85
CA LEU A 120 -8.01 4.97 -5.43
C LEU A 120 -7.71 6.18 -6.33
N GLU A 121 -6.47 6.66 -6.28
CA GLU A 121 -6.08 7.82 -7.07
C GLU A 121 -4.63 7.71 -7.51
N SER A 122 -4.29 8.48 -8.55
CA SER A 122 -2.90 8.68 -8.91
C SER A 122 -2.71 10.16 -9.25
N GLY A 123 -1.67 10.49 -10.00
CA GLY A 123 -1.44 11.89 -10.33
C GLY A 123 -0.35 11.95 -11.38
N VAL A 124 -0.16 13.18 -11.88
CA VAL A 124 1.06 13.56 -12.62
C VAL A 124 1.78 14.67 -11.86
N THR A 125 3.11 14.61 -11.90
CA THR A 125 3.90 15.57 -11.11
C THR A 125 5.01 16.21 -11.93
N LEU A 126 5.00 17.55 -12.03
CA LEU A 126 6.09 18.28 -12.69
C LEU A 126 7.12 18.59 -11.60
N HIS A 127 8.34 18.22 -11.86
CA HIS A 127 9.40 18.42 -10.85
C HIS A 127 10.74 18.76 -11.50
N ARG A 128 11.66 19.35 -10.72
CA ARG A 128 13.03 19.52 -11.17
C ARG A 128 13.70 18.17 -11.23
N ILE A 129 14.59 17.92 -12.17
CA ILE A 129 15.40 16.73 -12.18
C ILE A 129 16.58 16.97 -11.27
N ASP A 130 16.80 16.07 -10.31
CA ASP A 130 18.08 15.94 -9.59
C ASP A 130 18.72 14.61 -9.89
N ASN A 131 19.80 14.19 -9.26
CA ASN A 131 20.48 13.00 -9.66
C ASN A 131 19.77 11.67 -9.31
N GLY A 132 18.79 11.78 -8.42
CA GLY A 132 18.01 10.56 -8.11
C GLY A 132 16.84 10.36 -9.08
N ILE A 133 16.21 9.21 -8.90
CA ILE A 133 15.07 8.80 -9.76
C ILE A 133 13.77 9.38 -9.16
N ASP A 134 13.21 10.40 -9.80
CA ASP A 134 11.98 11.05 -9.42
C ASP A 134 11.97 11.70 -8.04
N THR A 135 13.16 12.18 -7.65
CA THR A 135 13.40 12.67 -6.30
C THR A 135 13.43 14.19 -6.20
N GLY A 136 13.51 14.89 -7.32
CA GLY A 136 13.71 16.35 -7.29
C GLY A 136 12.49 17.08 -6.82
N ASN A 137 12.67 18.38 -6.62
CA ASN A 137 11.67 19.18 -5.95
C ASN A 137 10.43 19.36 -6.85
N ILE A 138 9.26 19.34 -6.23
CA ILE A 138 7.98 19.37 -6.94
C ILE A 138 7.58 20.81 -7.28
N ILE A 139 7.28 21.05 -8.56
CA ILE A 139 6.76 22.32 -9.03
C ILE A 139 5.23 22.39 -9.06
N ASP A 140 4.57 21.31 -9.54
CA ASP A 140 3.14 21.27 -9.62
C ASP A 140 2.72 19.79 -9.66
N GLN A 141 1.50 19.52 -9.24
CA GLN A 141 0.91 18.18 -9.27
C GLN A 141 -0.56 18.28 -9.54
N HIS A 142 -1.07 17.30 -10.29
CA HIS A 142 -2.48 17.13 -10.49
C HIS A 142 -2.85 15.68 -10.19
N CYS A 143 -3.66 15.48 -9.16
CA CYS A 143 -4.16 14.16 -8.77
C CYS A 143 -5.51 13.91 -9.40
N PHE A 144 -5.81 12.65 -9.69
CA PHE A 144 -7.06 12.29 -10.36
C PHE A 144 -7.43 10.85 -9.94
N PRO A 145 -8.70 10.45 -10.09
CA PRO A 145 -9.11 9.12 -9.65
C PRO A 145 -8.62 7.97 -10.51
N ILE A 146 -8.38 6.84 -9.84
CA ILE A 146 -8.33 5.55 -10.55
C ILE A 146 -9.75 4.98 -10.35
N ASP A 147 -10.59 5.00 -11.38
CA ASP A 147 -11.94 4.52 -11.20
C ASP A 147 -11.87 3.02 -10.96
N ILE A 148 -12.92 2.49 -10.33
CA ILE A 148 -12.87 1.16 -9.78
C ILE A 148 -12.59 0.07 -10.80
N ASN A 149 -13.03 0.26 -12.05
CA ASN A 149 -12.76 -0.74 -13.10
C ASN A 149 -11.74 -0.32 -14.15
N ASP A 150 -11.03 0.76 -13.84
CA ASP A 150 -9.98 1.19 -14.75
C ASP A 150 -8.87 0.14 -14.81
N THR A 151 -8.31 -0.04 -16.00
CA THR A 151 -7.14 -0.89 -16.17
C THR A 151 -5.85 -0.05 -16.18
N ALA A 152 -4.71 -0.74 -16.20
CA ALA A 152 -3.38 -0.07 -16.38
C ALA A 152 -3.39 0.77 -17.64
N ARG A 153 -4.01 0.27 -18.74
CA ARG A 153 -4.04 1.03 -19.98
C ARG A 153 -4.88 2.29 -19.76
N ASP A 154 -6.03 2.23 -19.11
CA ASP A 154 -6.85 3.39 -18.89
C ASP A 154 -6.06 4.40 -18.07
N LEU A 155 -5.37 3.93 -17.04
CA LEU A 155 -4.56 4.82 -16.21
C LEU A 155 -3.46 5.51 -17.06
N TYR A 156 -2.77 4.77 -17.91
CA TYR A 156 -1.71 5.34 -18.75
C TYR A 156 -2.28 6.43 -19.64
N PHE A 157 -3.44 6.22 -20.27
CA PHE A 157 -4.01 7.26 -21.14
C PHE A 157 -4.44 8.46 -20.30
N ASN A 158 -4.82 8.30 -19.03
CA ASN A 158 -5.04 9.47 -18.15
C ASN A 158 -3.71 10.19 -17.88
N TYR A 159 -2.62 9.47 -17.63
CA TYR A 159 -1.33 10.15 -17.45
C TYR A 159 -1.02 10.96 -18.69
N LEU A 160 -1.19 10.41 -19.88
CA LEU A 160 -0.87 11.14 -21.09
C LEU A 160 -1.65 12.45 -21.15
N LYS A 161 -2.93 12.39 -20.84
CA LYS A 161 -3.84 13.53 -20.96
C LYS A 161 -3.48 14.56 -19.88
N TYR A 162 -3.44 14.14 -18.64
CA TYR A 162 -3.17 15.07 -17.56
C TYR A 162 -1.73 15.59 -17.58
N GLY A 163 -0.79 14.76 -18.03
CA GLY A 163 0.62 15.16 -18.18
C GLY A 163 0.72 16.25 -19.23
N GLU A 164 0.04 16.08 -20.37
CA GLU A 164 0.09 17.14 -21.40
C GLU A 164 -0.48 18.42 -20.82
N SER A 165 -1.54 18.34 -20.05
CA SER A 165 -2.16 19.54 -19.50
CA SER A 165 -2.17 19.53 -19.52
C SER A 165 -1.26 20.21 -18.49
N ILE A 166 -0.59 19.48 -17.62
CA ILE A 166 0.26 20.10 -16.61
C ILE A 166 1.48 20.76 -17.28
N PHE A 167 1.94 20.19 -18.40
CA PHE A 167 2.97 20.83 -19.23
C PHE A 167 2.49 22.20 -19.69
N LYS A 168 1.33 22.27 -20.31
CA LYS A 168 0.83 23.51 -20.90
C LYS A 168 0.61 24.52 -19.76
N LYS A 169 0.18 24.09 -18.58
CA LYS A 169 -0.19 25.00 -17.49
C LYS A 169 1.07 25.67 -16.96
N ASN A 170 2.22 25.00 -17.00
CA ASN A 170 3.40 25.46 -16.29
C ASN A 170 4.54 25.94 -17.18
N ILE A 171 4.45 25.72 -18.48
CA ILE A 171 5.63 25.90 -19.32
C ILE A 171 6.09 27.38 -19.37
N GLN A 172 5.16 28.33 -19.38
CA GLN A 172 5.60 29.72 -19.44
CA GLN A 172 5.58 29.73 -19.44
C GLN A 172 6.42 30.12 -18.23
N THR A 173 6.02 29.69 -17.03
CA THR A 173 6.84 29.96 -15.85
C THR A 173 8.16 29.25 -15.85
N ILE A 174 8.24 28.09 -16.49
CA ILE A 174 9.52 27.46 -16.69
C ILE A 174 10.42 28.23 -17.66
N ILE A 175 9.86 28.63 -18.79
CA ILE A 175 10.61 29.48 -19.72
C ILE A 175 11.13 30.77 -19.07
N ASN A 176 10.26 31.37 -18.28
CA ASN A 176 10.61 32.63 -17.63
C ASN A 176 11.37 32.46 -16.32
N ASN A 177 11.63 31.21 -15.94
CA ASN A 177 12.35 30.87 -14.70
C ASN A 177 11.69 31.55 -13.50
N SER A 178 10.38 31.48 -13.42
CA SER A 178 9.62 32.14 -12.38
C SER A 178 8.81 31.18 -11.52
N TYR A 179 9.03 29.88 -11.72
CA TYR A 179 8.27 28.87 -10.99
C TYR A 179 8.71 28.78 -9.53
N LYS A 180 7.86 28.14 -8.72
CA LYS A 180 8.26 27.81 -7.35
C LYS A 180 8.27 26.29 -7.18
N ASP A 181 9.11 25.83 -6.27
CA ASP A 181 9.13 24.39 -5.97
C ASP A 181 9.28 24.10 -4.48
N LEU A 182 9.07 22.84 -4.10
CA LEU A 182 9.15 22.41 -2.70
CA LEU A 182 9.20 22.42 -2.72
C LEU A 182 9.83 21.03 -2.66
N LYS A 183 10.77 20.81 -1.75
CA LYS A 183 11.40 19.51 -1.60
C LYS A 183 10.37 18.42 -1.28
N GLN A 184 10.63 17.22 -1.79
CA GLN A 184 9.77 16.08 -1.40
C GLN A 184 9.98 15.62 0.03
N THR A 185 8.89 15.16 0.65
CA THR A 185 8.94 14.53 1.99
CA THR A 185 9.01 14.56 1.98
C THR A 185 9.66 13.17 1.98
N ASN A 186 10.21 12.74 3.12
CA ASN A 186 10.66 11.35 3.26
C ASN A 186 9.45 10.42 3.45
N ILE A 187 8.40 10.87 4.12
CA ILE A 187 7.32 9.95 4.45
CA ILE A 187 7.26 10.02 4.46
C ILE A 187 6.44 9.83 3.19
N ASN A 188 5.77 8.70 3.08
CA ASN A 188 5.02 8.29 1.88
C ASN A 188 5.84 8.02 0.63
N SER A 189 7.13 8.21 0.63
CA SER A 189 7.93 7.99 -0.55
C SER A 189 8.03 6.48 -0.83
N SER A 190 7.74 6.09 -2.07
CA SER A 190 7.85 4.70 -2.47
C SER A 190 8.43 4.59 -3.87
N TYR A 191 8.93 3.43 -4.25
CA TYR A 191 9.76 3.28 -5.43
C TYR A 191 9.67 1.85 -5.90
N PHE A 192 9.48 1.67 -7.21
CA PHE A 192 9.42 0.32 -7.78
C PHE A 192 10.37 0.27 -8.96
N SER A 193 11.22 -0.74 -9.04
CA SER A 193 12.08 -0.97 -10.17
C SER A 193 11.58 -2.07 -11.04
N ARG A 194 12.19 -2.29 -12.21
CA ARG A 194 11.71 -3.34 -13.10
C ARG A 194 11.73 -4.70 -12.38
N LYS A 195 12.72 -4.99 -11.56
CA LYS A 195 12.83 -6.28 -10.92
C LYS A 195 11.69 -6.48 -9.92
N ASP A 196 11.01 -5.45 -9.45
CA ASP A 196 9.94 -5.61 -8.47
C ASP A 196 8.66 -6.14 -9.11
N ILE A 197 8.53 -6.07 -10.44
CA ILE A 197 7.24 -6.38 -11.07
C ILE A 197 7.47 -7.51 -12.07
N ASN A 198 6.79 -8.64 -11.84
CA ASN A 198 6.78 -9.70 -12.85
C ASN A 198 5.61 -9.44 -13.80
N LEU A 199 5.95 -9.16 -15.05
CA LEU A 199 4.93 -8.77 -16.01
C LEU A 199 3.98 -9.90 -16.43
N VAL A 200 4.34 -11.12 -16.10
CA VAL A 200 3.44 -12.27 -16.24
C VAL A 200 2.90 -12.53 -14.85
N HIS A 201 1.77 -11.89 -14.54
CA HIS A 201 1.28 -11.97 -13.18
C HIS A 201 0.56 -13.29 -12.87
N LYS A 202 0.88 -13.85 -11.72
CA LYS A 202 0.19 -15.06 -11.24
C LYS A 202 -0.68 -14.59 -10.07
N ILE A 203 -1.99 -14.70 -10.21
CA ILE A 203 -2.93 -14.18 -9.25
C ILE A 203 -2.93 -14.98 -7.93
N ASN A 204 -2.88 -14.29 -6.81
CA ASN A 204 -3.13 -14.84 -5.48
C ASN A 204 -4.63 -14.65 -5.21
N PHE A 205 -5.33 -15.81 -5.18
CA PHE A 205 -6.77 -15.78 -4.96
C PHE A 205 -7.18 -15.80 -3.49
N LYS A 206 -6.21 -16.03 -2.61
CA LYS A 206 -6.45 -15.99 -1.17
CA LYS A 206 -6.47 -15.98 -1.17
C LYS A 206 -6.30 -14.53 -0.68
N LYS A 207 -7.16 -13.68 -1.23
CA LYS A 207 -7.11 -12.23 -1.09
C LYS A 207 -8.52 -11.69 -1.14
N THR A 208 -8.82 -10.45 -0.83
CA THR A 208 -10.15 -9.87 -0.99
C THR A 208 -10.52 -9.76 -2.46
N SER A 209 -11.82 -9.62 -2.70
CA SER A 209 -12.27 -9.36 -4.08
C SER A 209 -11.56 -8.11 -4.64
N PHE A 210 -11.53 -7.03 -3.87
CA PHE A 210 -10.83 -5.81 -4.32
C PHE A 210 -9.38 -6.12 -4.69
N GLU A 211 -8.63 -6.88 -3.91
CA GLU A 211 -7.27 -7.25 -4.26
C GLU A 211 -7.16 -8.13 -5.47
N ILE A 212 -8.09 -9.09 -5.65
CA ILE A 212 -7.96 -9.96 -6.83
C ILE A 212 -8.26 -9.15 -8.11
N HIS A 213 -9.29 -8.34 -8.02
CA HIS A 213 -9.68 -7.42 -9.10
C HIS A 213 -8.49 -6.50 -9.42
N ASN A 214 -7.87 -5.92 -8.38
CA ASN A 214 -6.75 -5.00 -8.66
C ASN A 214 -5.59 -5.72 -9.27
N GLN A 215 -5.29 -6.95 -8.85
CA GLN A 215 -4.27 -7.73 -9.46
C GLN A 215 -4.53 -7.95 -10.95
N ILE A 216 -5.77 -8.31 -11.30
CA ILE A 216 -6.10 -8.49 -12.71
C ILE A 216 -5.93 -7.18 -13.49
N ARG A 217 -6.62 -6.13 -13.05
CA ARG A 217 -6.70 -4.95 -13.93
C ARG A 217 -5.35 -4.20 -13.99
N ALA A 218 -4.50 -4.37 -12.97
CA ALA A 218 -3.19 -3.75 -13.00
C ALA A 218 -2.35 -4.23 -14.16
N PHE A 219 -2.59 -5.42 -14.70
CA PHE A 219 -1.85 -5.98 -15.80
C PHE A 219 -2.57 -5.94 -17.16
N ILE A 220 -3.73 -5.34 -17.18
CA ILE A 220 -4.45 -5.28 -18.47
C ILE A 220 -3.87 -4.04 -19.21
N PHE A 221 -3.06 -4.33 -20.20
CA PHE A 221 -2.56 -3.25 -21.08
C PHE A 221 -2.21 -3.98 -22.37
N GLN A 222 -3.20 -4.16 -23.23
CA GLN A 222 -3.15 -5.19 -24.29
C GLN A 222 -2.01 -5.01 -25.27
N GLU A 223 -1.58 -3.76 -25.50
CA GLU A 223 -0.38 -3.51 -26.35
C GLU A 223 0.89 -4.21 -25.86
N TYR A 224 0.93 -4.53 -24.55
CA TYR A 224 2.01 -5.25 -23.92
C TYR A 224 1.59 -6.67 -23.48
N GLN A 225 0.60 -6.81 -22.61
CA GLN A 225 0.24 -8.18 -22.15
C GLN A 225 -1.15 -8.05 -21.57
N LEU A 226 -1.77 -9.22 -21.39
CA LEU A 226 -2.97 -9.35 -20.58
C LEU A 226 -2.75 -10.47 -19.56
N PRO A 227 -3.31 -10.32 -18.36
CA PRO A 227 -3.22 -11.38 -17.36
C PRO A 227 -4.02 -12.62 -17.84
N ILE A 228 -3.49 -13.78 -17.47
CA ILE A 228 -4.08 -15.04 -17.97
C ILE A 228 -4.65 -15.86 -16.81
N ILE A 229 -5.89 -16.35 -16.95
CA ILE A 229 -6.51 -17.27 -15.97
C ILE A 229 -6.80 -18.54 -16.78
N ASN A 230 -6.25 -19.68 -16.33
CA ASN A 230 -6.50 -20.99 -16.98
C ASN A 230 -6.29 -20.89 -18.49
N ASN A 231 -5.12 -20.40 -18.91
CA ASN A 231 -4.90 -20.19 -20.35
C ASN A 231 -5.81 -19.27 -21.20
N SER A 232 -6.70 -18.51 -20.56
CA SER A 232 -7.44 -17.41 -21.23
C SER A 232 -6.94 -16.03 -20.78
N LYS A 233 -6.67 -15.19 -21.75
CA LYS A 233 -6.38 -13.79 -21.51
C LYS A 233 -7.63 -13.04 -21.08
N ILE A 234 -7.45 -12.14 -20.11
CA ILE A 234 -8.52 -11.35 -19.56
C ILE A 234 -8.40 -9.92 -20.07
N ILE A 235 -9.48 -9.38 -20.63
CA ILE A 235 -9.49 -7.99 -21.17
C ILE A 235 -10.15 -6.96 -20.23
N LYS A 236 -10.96 -7.39 -19.27
CA LYS A 236 -11.63 -6.43 -18.44
C LYS A 236 -12.02 -7.13 -17.16
N SER A 237 -11.88 -6.47 -16.01
CA SER A 237 -12.42 -6.98 -14.76
C SER A 237 -13.44 -6.00 -14.23
N ILE A 238 -14.55 -6.51 -13.70
CA ILE A 238 -15.64 -5.69 -13.19
CA ILE A 238 -15.64 -5.69 -13.19
C ILE A 238 -15.90 -6.08 -11.74
N LEU A 239 -15.73 -5.15 -10.80
CA LEU A 239 -15.98 -5.46 -9.36
C LEU A 239 -17.27 -4.82 -8.91
N ALA A 240 -18.15 -5.65 -8.31
CA ALA A 240 -19.43 -5.17 -7.79
C ALA A 240 -19.46 -5.29 -6.27
N ASN A 241 -20.42 -4.61 -5.65
CA ASN A 241 -20.58 -4.80 -4.22
CA ASN A 241 -20.67 -4.70 -4.22
C ASN A 241 -21.61 -5.86 -3.83
N GLU A 242 -21.95 -6.71 -4.78
CA GLU A 242 -22.87 -7.80 -4.55
C GLU A 242 -22.10 -8.94 -3.89
N PHE A 243 -22.62 -9.40 -2.75
CA PHE A 243 -22.04 -10.55 -2.05
C PHE A 243 -22.50 -11.86 -2.67
N ILE A 244 -21.60 -12.76 -3.06
CA ILE A 244 -21.97 -14.02 -3.72
C ILE A 244 -21.42 -15.24 -3.01
N GLY A 245 -20.99 -15.01 -1.77
CA GLY A 245 -20.35 -16.11 -1.05
C GLY A 245 -18.85 -16.00 -1.14
N TYR A 246 -18.14 -16.61 -0.20
CA TYR A 246 -16.67 -16.49 -0.12
C TYR A 246 -15.98 -17.40 -1.11
N ASN A 247 -14.89 -16.93 -1.71
CA ASN A 247 -14.04 -17.83 -2.44
C ASN A 247 -14.68 -18.56 -3.62
N VAL A 248 -15.46 -17.80 -4.38
CA VAL A 248 -16.07 -18.33 -5.59
C VAL A 248 -15.07 -18.39 -6.74
N PHE A 249 -15.03 -19.44 -7.54
CA PHE A 249 -14.32 -19.41 -8.80
C PHE A 249 -15.02 -20.32 -9.79
N GLU A 250 -15.59 -19.73 -10.84
CA GLU A 250 -16.21 -20.56 -11.87
CA GLU A 250 -16.30 -20.52 -11.86
C GLU A 250 -15.92 -20.01 -13.24
N GLU A 251 -15.47 -20.88 -14.13
CA GLU A 251 -15.17 -20.55 -15.52
C GLU A 251 -16.35 -20.80 -16.47
N PHE A 252 -16.65 -19.81 -17.29
CA PHE A 252 -17.66 -19.92 -18.37
C PHE A 252 -16.98 -19.66 -19.69
N GLU A 253 -17.68 -19.85 -20.81
CA GLU A 253 -17.04 -19.65 -22.10
C GLU A 253 -16.45 -18.26 -22.28
N ASN A 254 -17.17 -17.24 -21.80
CA ASN A 254 -16.83 -15.84 -22.12
C ASN A 254 -16.24 -15.07 -20.92
N TYR A 255 -16.25 -15.65 -19.74
CA TYR A 255 -15.90 -14.90 -18.51
C TYR A 255 -15.67 -15.87 -17.36
N PHE A 256 -15.03 -15.42 -16.27
CA PHE A 256 -15.02 -16.07 -15.00
C PHE A 256 -15.82 -15.27 -14.01
N ILE A 257 -16.48 -15.96 -13.08
CA ILE A 257 -17.07 -15.32 -11.92
C ILE A 257 -16.17 -15.70 -10.74
N ILE A 258 -15.75 -14.66 -10.00
CA ILE A 258 -14.74 -14.86 -8.96
C ILE A 258 -15.17 -14.05 -7.73
N SER A 259 -14.93 -14.60 -6.53
CA SER A 259 -14.91 -13.71 -5.36
C SER A 259 -13.77 -14.14 -4.47
N GLY A 260 -13.30 -13.18 -3.65
CA GLY A 260 -12.22 -13.50 -2.71
C GLY A 260 -12.75 -13.78 -1.32
N ILE A 261 -11.89 -13.55 -0.32
CA ILE A 261 -12.20 -13.96 1.07
C ILE A 261 -13.32 -13.16 1.69
N ASP A 262 -13.70 -12.06 1.07
CA ASP A 262 -14.81 -11.25 1.51
C ASP A 262 -16.09 -11.39 0.61
N GLY A 263 -15.95 -12.19 -0.43
CA GLY A 263 -17.15 -12.65 -1.14
C GLY A 263 -17.79 -11.71 -2.14
N PHE A 264 -17.21 -10.56 -2.50
CA PHE A 264 -17.83 -9.68 -3.51
C PHE A 264 -17.59 -10.14 -4.94
N LYS A 265 -18.62 -9.96 -5.79
CA LYS A 265 -18.58 -10.49 -7.14
C LYS A 265 -17.62 -9.76 -8.09
N ILE A 266 -16.78 -10.54 -8.73
CA ILE A 266 -15.91 -10.04 -9.83
C ILE A 266 -16.38 -10.80 -11.08
N ILE A 267 -16.50 -10.08 -12.20
CA ILE A 267 -16.61 -10.71 -13.53
C ILE A 267 -15.30 -10.43 -14.25
N ALA A 268 -14.56 -11.48 -14.59
CA ALA A 268 -13.36 -11.32 -15.38
C ALA A 268 -13.67 -11.71 -16.82
N GLN A 269 -13.75 -10.72 -17.73
CA GLN A 269 -14.18 -10.98 -19.11
C GLN A 269 -13.02 -11.46 -19.93
N LYS A 270 -13.18 -12.57 -20.65
CA LYS A 270 -12.14 -13.10 -21.50
C LYS A 270 -11.97 -12.26 -22.77
N LEU A 271 -10.73 -12.16 -23.28
CA LEU A 271 -10.55 -11.51 -24.56
C LEU A 271 -11.26 -12.32 -25.64
N ASN A 272 -12.00 -11.60 -26.47
CA ASN A 272 -12.86 -12.23 -27.49
C ASN A 272 -12.05 -13.06 -28.50
N LYS A 273 -10.91 -12.55 -28.96
CA LYS A 273 -10.12 -13.29 -29.93
C LYS A 273 -10.70 -14.68 -30.23
N GLY B 1 -32.72 -18.09 31.11
CA GLY B 1 -31.26 -18.04 31.37
C GLY B 1 -30.71 -19.40 31.75
N HIS B 2 -29.89 -19.97 30.86
CA HIS B 2 -28.77 -20.83 31.25
C HIS B 2 -28.01 -20.08 32.34
N MET B 3 -27.23 -20.77 33.15
CA MET B 3 -26.34 -20.11 34.11
C MET B 3 -25.37 -19.17 33.36
N ILE B 4 -24.77 -19.70 32.29
CA ILE B 4 -23.67 -19.05 31.55
C ILE B 4 -24.24 -17.97 30.63
N LYS B 5 -23.80 -16.74 30.86
CA LYS B 5 -24.19 -15.59 30.06
C LYS B 5 -23.16 -15.13 29.01
N ILE B 6 -21.89 -15.47 29.23
CA ILE B 6 -20.82 -14.91 28.37
C ILE B 6 -19.62 -15.86 28.30
N CYS B 7 -18.98 -15.89 27.13
CA CYS B 7 -17.72 -16.60 26.95
C CYS B 7 -16.73 -15.58 26.43
N ILE B 8 -15.59 -15.56 27.11
CA ILE B 8 -14.41 -14.83 26.60
C ILE B 8 -13.49 -15.89 26.03
N ALA B 9 -13.21 -15.77 24.72
CA ALA B 9 -12.37 -16.71 24.02
C ALA B 9 -11.19 -15.85 23.50
N GLY B 10 -9.98 -16.33 23.79
CA GLY B 10 -8.78 -15.70 23.23
C GLY B 10 -7.65 -15.63 24.25
N LYS B 11 -6.90 -14.53 24.16
CA LYS B 11 -5.58 -14.53 24.84
C LYS B 11 -5.11 -13.10 25.13
N ASN B 12 -4.07 -13.03 25.96
CA ASN B 12 -3.21 -11.83 26.12
C ASN B 12 -3.88 -10.77 26.94
N ASN B 13 -3.24 -9.61 27.09
CA ASN B 13 -3.73 -8.62 28.02
C ASN B 13 -5.14 -8.16 27.70
N ILE B 14 -5.49 -8.10 26.41
CA ILE B 14 -6.83 -7.65 26.03
C ILE B 14 -7.91 -8.64 26.55
N ALA B 15 -7.70 -9.95 26.43
CA ALA B 15 -8.70 -10.92 26.92
C ALA B 15 -8.74 -10.84 28.43
N VAL B 16 -7.59 -10.85 29.10
CA VAL B 16 -7.56 -10.87 30.56
C VAL B 16 -8.18 -9.60 31.09
N ASN B 17 -7.85 -8.42 30.57
CA ASN B 17 -8.30 -7.16 31.14
C ASN B 17 -9.79 -6.94 30.87
N SER B 18 -10.24 -7.45 29.72
CA SER B 18 -11.66 -7.38 29.40
C SER B 18 -12.49 -8.32 30.29
N LEU B 19 -11.99 -9.54 30.49
CA LEU B 19 -12.58 -10.50 31.43
C LEU B 19 -12.63 -9.85 32.82
N GLN B 20 -11.53 -9.26 33.28
CA GLN B 20 -11.52 -8.64 34.60
C GLN B 20 -12.58 -7.53 34.71
N PHE B 21 -12.78 -6.76 33.65
CA PHE B 21 -13.74 -5.69 33.61
C PHE B 21 -15.17 -6.24 33.73
N ILE B 22 -15.47 -7.34 33.04
CA ILE B 22 -16.77 -8.00 33.04
CA ILE B 22 -16.82 -7.87 33.11
C ILE B 22 -17.11 -8.56 34.44
N LEU B 23 -16.09 -9.14 35.06
CA LEU B 23 -16.23 -9.78 36.38
C LEU B 23 -16.48 -8.72 37.44
N LYS B 24 -15.84 -7.56 37.28
CA LYS B 24 -16.01 -6.45 38.21
C LYS B 24 -17.37 -5.76 38.07
N ASN B 25 -17.84 -5.61 36.84
CA ASN B 25 -18.95 -4.69 36.56
C ASN B 25 -20.27 -5.31 36.09
N TYR B 26 -20.28 -6.58 35.67
CA TYR B 26 -21.43 -7.10 34.91
C TYR B 26 -21.87 -8.52 35.25
N PHE B 27 -20.94 -9.44 35.45
CA PHE B 27 -21.29 -10.85 35.64
C PHE B 27 -20.44 -11.47 36.76
N GLU B 28 -20.97 -12.48 37.44
CA GLU B 28 -20.22 -13.21 38.45
C GLU B 28 -19.48 -14.35 37.79
N ALA B 29 -18.49 -14.92 38.48
CA ALA B 29 -17.71 -16.03 37.97
C ALA B 29 -18.51 -17.21 37.40
N ASP B 30 -19.60 -17.56 38.09
CA ASP B 30 -20.41 -18.72 37.71
C ASP B 30 -21.30 -18.49 36.48
N GLN B 31 -21.28 -17.27 35.94
CA GLN B 31 -21.97 -16.90 34.69
C GLN B 31 -21.03 -16.76 33.50
N ILE B 32 -19.75 -17.03 33.72
CA ILE B 32 -18.73 -16.81 32.67
C ILE B 32 -18.01 -18.09 32.35
N VAL B 33 -17.66 -18.28 31.07
CA VAL B 33 -16.77 -19.36 30.71
C VAL B 33 -15.68 -18.71 29.86
N VAL B 34 -14.57 -19.42 29.76
CA VAL B 34 -13.47 -18.99 28.89
CA VAL B 34 -13.52 -18.97 28.85
C VAL B 34 -13.04 -20.12 27.98
N ILE B 35 -12.56 -19.75 26.77
CA ILE B 35 -11.86 -20.71 25.91
C ILE B 35 -10.53 -20.05 25.63
N PRO B 36 -9.50 -20.47 26.37
CA PRO B 36 -8.16 -19.98 26.07
C PRO B 36 -7.72 -20.49 24.70
N ASN B 37 -6.71 -19.83 24.11
CA ASN B 37 -6.08 -20.37 22.93
C ASN B 37 -5.30 -21.64 23.18
N LYS B 38 -5.08 -22.45 22.14
CA LYS B 38 -4.42 -23.73 22.29
C LYS B 38 -3.05 -23.57 22.91
N ASN B 39 -2.38 -22.44 22.66
CA ASN B 39 -1.02 -22.30 23.14
C ASN B 39 -0.87 -21.74 24.55
N ASP B 40 -1.98 -21.44 25.21
CA ASP B 40 -1.96 -20.83 26.55
C ASP B 40 -1.53 -21.92 27.53
N LYS B 41 -0.38 -21.72 28.18
CA LYS B 41 0.12 -22.70 29.13
C LYS B 41 -0.11 -22.24 30.58
N GLY B 42 -0.90 -21.19 30.77
CA GLY B 42 -1.27 -20.74 32.12
C GLY B 42 -0.20 -19.94 32.83
N ILE B 43 0.77 -19.36 32.12
CA ILE B 43 1.89 -18.61 32.72
C ILE B 43 1.85 -17.13 32.30
N ASP B 44 1.82 -16.17 33.22
CA ASP B 44 1.97 -14.74 32.92
C ASP B 44 3.39 -14.48 32.45
N SER B 45 3.57 -13.97 31.24
CA SER B 45 4.89 -13.71 30.69
CA SER B 45 4.88 -13.72 30.64
C SER B 45 4.93 -12.25 30.25
N TRP B 46 5.34 -11.98 29.00
CA TRP B 46 5.27 -10.61 28.51
C TRP B 46 3.81 -10.18 28.25
N GLN B 47 2.91 -11.17 28.22
CA GLN B 47 1.47 -10.96 28.30
C GLN B 47 0.84 -11.79 29.46
N LYS B 48 -0.25 -11.28 29.98
CA LYS B 48 -1.05 -12.09 30.93
C LYS B 48 -1.72 -13.29 30.26
N SER B 49 -1.91 -14.35 31.04
CA SER B 49 -2.52 -15.61 30.59
C SER B 49 -3.97 -15.67 30.96
N LEU B 50 -4.81 -15.85 29.94
CA LEU B 50 -6.25 -15.96 30.23
C LEU B 50 -6.61 -17.25 31.01
N LEU B 51 -5.97 -18.35 30.65
CA LEU B 51 -6.11 -19.58 31.43
C LEU B 51 -5.78 -19.34 32.92
N LYS B 52 -4.63 -18.74 33.19
CA LYS B 52 -4.27 -18.47 34.58
C LYS B 52 -5.30 -17.59 35.26
N PHE B 53 -5.74 -16.50 34.65
CA PHE B 53 -6.75 -15.63 35.23
C PHE B 53 -8.03 -16.45 35.56
N ALA B 54 -8.46 -17.27 34.61
CA ALA B 54 -9.70 -18.02 34.86
C ALA B 54 -9.52 -18.98 36.01
N LEU B 55 -8.43 -19.77 36.01
CA LEU B 55 -8.16 -20.67 37.15
C LEU B 55 -8.09 -19.90 38.47
N ASP B 56 -7.40 -18.78 38.50
CA ASP B 56 -7.25 -17.99 39.74
C ASP B 56 -8.58 -17.42 40.23
N ASN B 57 -9.58 -17.32 39.35
CA ASN B 57 -10.82 -16.65 39.70
C ASN B 57 -12.05 -17.56 39.61
N ASN B 58 -11.78 -18.87 39.54
CA ASN B 58 -12.86 -19.85 39.53
CA ASN B 58 -12.84 -19.88 39.50
C ASN B 58 -13.84 -19.63 38.37
N ILE B 59 -13.30 -19.46 37.16
CA ILE B 59 -14.10 -19.35 35.92
C ILE B 59 -13.82 -20.61 35.13
N LYS B 60 -14.87 -21.33 34.73
CA LYS B 60 -14.77 -22.60 34.04
C LYS B 60 -14.08 -22.52 32.66
N ILE B 61 -13.21 -23.47 32.37
CA ILE B 61 -12.55 -23.55 31.06
C ILE B 61 -13.39 -24.54 30.23
N VAL B 62 -13.72 -24.18 28.99
CA VAL B 62 -14.62 -25.01 28.19
C VAL B 62 -14.07 -25.14 26.76
N THR B 63 -14.70 -26.02 25.96
CA THR B 63 -14.49 -26.09 24.52
C THR B 63 -15.63 -25.43 23.78
N LEU B 64 -15.44 -25.20 22.48
CA LEU B 64 -16.52 -24.60 21.68
C LEU B 64 -17.76 -25.52 21.70
N ASP B 65 -17.53 -26.82 21.60
CA ASP B 65 -18.62 -27.83 21.56
C ASP B 65 -19.50 -27.63 22.78
N GLU B 66 -18.89 -27.19 23.89
CA GLU B 66 -19.64 -27.02 25.12
C GLU B 66 -20.55 -25.82 25.11
N ILE B 67 -20.33 -24.84 24.25
CA ILE B 67 -21.19 -23.66 24.33
C ILE B 67 -22.14 -23.45 23.11
N TYR B 68 -22.03 -24.27 22.06
CA TYR B 68 -22.83 -24.06 20.83
C TYR B 68 -24.32 -24.03 21.18
N ASN B 69 -24.77 -25.02 21.96
CA ASN B 69 -26.22 -25.05 22.18
C ASN B 69 -26.70 -24.11 23.27
N ILE B 70 -25.81 -23.23 23.76
CA ILE B 70 -26.24 -22.31 24.81
C ILE B 70 -27.00 -21.07 24.35
N GLU B 71 -28.29 -21.05 24.63
CA GLU B 71 -29.18 -19.98 24.20
C GLU B 71 -28.71 -18.63 24.71
N GLN B 72 -28.72 -17.64 23.81
CA GLN B 72 -28.47 -16.23 24.18
C GLN B 72 -27.06 -15.86 24.75
N ILE B 73 -26.12 -16.81 24.75
CA ILE B 73 -24.73 -16.54 25.22
C ILE B 73 -24.11 -15.40 24.40
N ILE B 74 -23.42 -14.48 25.07
CA ILE B 74 -22.57 -13.50 24.35
C ILE B 74 -21.22 -14.16 24.14
N PHE B 75 -20.81 -14.30 22.89
CA PHE B 75 -19.51 -14.88 22.59
C PHE B 75 -18.59 -13.77 22.11
N PHE B 76 -17.48 -13.58 22.80
CA PHE B 76 -16.59 -12.45 22.51
C PHE B 76 -15.23 -13.05 22.23
N SER B 77 -14.72 -12.87 21.01
CA SER B 77 -13.36 -13.25 20.65
C SER B 77 -12.43 -12.03 20.77
N LEU B 78 -11.36 -12.27 21.55
CA LEU B 78 -10.32 -11.27 21.79
C LEU B 78 -9.00 -11.98 21.54
N GLU B 79 -8.53 -11.90 20.29
CA GLU B 79 -7.38 -12.64 19.84
C GLU B 79 -7.50 -14.16 19.89
N PHE B 80 -8.73 -14.63 19.61
CA PHE B 80 -9.03 -16.05 19.61
C PHE B 80 -8.46 -16.77 18.40
N ASP B 81 -8.03 -18.01 18.56
CA ASP B 81 -7.28 -18.72 17.52
C ASP B 81 -8.09 -19.60 16.56
N GLN B 82 -9.38 -19.74 16.87
CA GLN B 82 -10.26 -20.59 16.05
C GLN B 82 -11.25 -19.78 15.22
N ILE B 83 -11.34 -20.13 13.93
CA ILE B 83 -12.37 -19.63 13.01
CA ILE B 83 -12.40 -19.56 13.09
C ILE B 83 -13.69 -20.33 13.33
N ILE B 84 -14.69 -19.59 13.79
CA ILE B 84 -15.97 -20.24 14.16
C ILE B 84 -16.86 -20.31 12.91
N LYS B 85 -17.77 -21.30 12.93
CA LYS B 85 -18.88 -21.35 11.96
C LYS B 85 -20.16 -20.91 12.67
N ILE B 86 -20.85 -19.83 12.27
CA ILE B 86 -21.90 -19.22 13.02
C ILE B 86 -23.13 -20.14 13.16
N GLU B 87 -23.32 -21.06 12.22
CA GLU B 87 -24.54 -21.89 12.25
C GLU B 87 -24.39 -22.94 13.33
N ASN B 88 -23.19 -23.17 13.85
CA ASN B 88 -23.07 -24.05 15.01
C ASN B 88 -23.78 -23.50 16.23
N PHE B 89 -23.98 -22.19 16.31
CA PHE B 89 -24.32 -21.49 17.54
C PHE B 89 -25.81 -21.22 17.48
N LYS B 90 -26.48 -21.64 18.54
CA LYS B 90 -27.84 -21.16 18.74
C LYS B 90 -27.89 -19.65 18.86
N SER B 91 -26.96 -19.06 19.60
CA SER B 91 -26.94 -17.62 19.69
C SER B 91 -26.35 -16.90 18.43
N ASP B 92 -26.81 -15.68 18.24
CA ASP B 92 -26.31 -14.75 17.22
C ASP B 92 -25.60 -13.53 17.82
N ARG B 93 -25.23 -13.65 19.08
CA ARG B 93 -24.51 -12.58 19.77
C ARG B 93 -23.01 -12.93 19.77
N LEU B 94 -22.40 -12.79 18.59
CA LEU B 94 -21.03 -13.24 18.37
C LEU B 94 -20.19 -12.04 17.90
N PHE B 95 -19.17 -11.69 18.68
CA PHE B 95 -18.41 -10.44 18.49
C PHE B 95 -16.90 -10.70 18.57
N ASN B 96 -16.16 -9.84 17.86
CA ASN B 96 -14.70 -9.88 17.81
C ASN B 96 -14.20 -8.44 17.80
N ILE B 97 -13.03 -8.25 18.41
CA ILE B 97 -12.21 -7.06 18.14
C ILE B 97 -11.00 -7.44 17.32
N HIS B 98 -10.96 -6.82 16.13
CA HIS B 98 -9.84 -7.08 15.19
C HIS B 98 -8.84 -5.94 15.23
N PHE B 99 -7.59 -6.37 15.22
CA PHE B 99 -6.48 -5.40 15.31
C PHE B 99 -6.12 -4.81 13.94
N SER B 100 -7.06 -4.09 13.33
CA SER B 100 -6.74 -3.25 12.18
C SER B 100 -7.87 -2.24 12.02
N ALA B 101 -7.66 -1.24 11.16
CA ALA B 101 -8.75 -0.35 10.72
C ALA B 101 -9.43 -1.01 9.52
N LEU B 102 -10.36 -1.91 9.83
CA LEU B 102 -11.14 -2.58 8.77
C LEU B 102 -11.83 -1.51 7.92
N PRO B 103 -11.97 -1.75 6.60
CA PRO B 103 -11.79 -3.03 5.93
C PRO B 103 -10.36 -3.47 5.55
N LYS B 104 -9.35 -2.61 5.82
CA LYS B 104 -7.98 -2.99 5.52
C LYS B 104 -7.42 -3.99 6.53
N TYR B 105 -6.51 -4.82 6.05
CA TYR B 105 -5.69 -5.69 6.89
C TYR B 105 -6.51 -6.70 7.69
N LYS B 106 -7.49 -7.28 7.00
CA LYS B 106 -8.08 -8.55 7.48
C LYS B 106 -6.97 -9.59 7.52
N GLY B 107 -7.24 -10.70 8.24
CA GLY B 107 -6.31 -11.79 8.27
C GLY B 107 -5.39 -11.76 9.50
N VAL B 108 -4.12 -12.01 9.28
CA VAL B 108 -3.13 -12.25 10.36
C VAL B 108 -1.96 -11.30 10.30
N PHE B 109 -1.15 -11.32 11.36
CA PHE B 109 0.11 -10.52 11.40
C PHE B 109 -0.19 -9.05 11.24
N THR B 110 -1.21 -8.52 11.89
CA THR B 110 -1.62 -7.17 11.62
C THR B 110 -0.73 -6.14 12.30
N SER B 111 0.24 -6.54 13.11
CA SER B 111 1.23 -5.58 13.63
C SER B 111 2.35 -5.47 12.60
N ILE B 112 2.43 -6.35 11.61
CA ILE B 112 3.45 -6.32 10.53
C ILE B 112 2.85 -5.68 9.28
N THR B 113 1.68 -6.13 8.85
CA THR B 113 1.22 -5.78 7.50
C THR B 113 1.00 -4.28 7.30
N PRO B 114 0.44 -3.49 8.23
CA PRO B 114 0.27 -2.08 7.93
C PRO B 114 1.60 -1.35 7.81
N ILE B 115 2.56 -1.72 8.64
CA ILE B 115 3.86 -1.05 8.59
C ILE B 115 4.53 -1.40 7.28
N LEU B 116 4.55 -2.68 6.89
CA LEU B 116 5.19 -3.14 5.69
C LEU B 116 4.55 -2.54 4.45
N ASN B 117 3.26 -2.18 4.53
CA ASN B 117 2.57 -1.54 3.44
C ASN B 117 2.49 -0.03 3.56
N ASN B 118 3.41 0.51 4.37
CA ASN B 118 3.69 1.96 4.38
C ASN B 118 2.60 2.81 4.97
N GLU B 119 1.76 2.25 5.86
CA GLU B 119 0.70 3.03 6.48
C GLU B 119 1.21 3.99 7.56
N LEU B 120 0.49 5.08 7.72
CA LEU B 120 0.77 6.05 8.78
C LEU B 120 -0.17 5.91 9.98
N GLU B 121 -1.20 5.08 9.81
CA GLU B 121 -2.17 4.83 10.86
C GLU B 121 -2.65 3.40 10.83
N SER B 122 -3.18 2.97 11.96
CA SER B 122 -3.93 1.71 11.98
C SER B 122 -5.14 1.88 12.86
N GLY B 123 -5.70 0.81 13.41
CA GLY B 123 -6.91 0.97 14.24
C GLY B 123 -7.28 -0.36 14.87
N VAL B 124 -8.28 -0.32 15.76
CA VAL B 124 -8.96 -1.49 16.28
C VAL B 124 -10.43 -1.35 15.85
N THR B 125 -11.03 -2.50 15.51
CA THR B 125 -12.42 -2.53 15.05
C THR B 125 -13.20 -3.61 15.79
N LEU B 126 -14.30 -3.17 16.43
CA LEU B 126 -15.24 -4.14 17.00
C LEU B 126 -16.30 -4.44 15.92
N HIS B 127 -16.52 -5.72 15.67
CA HIS B 127 -17.44 -6.14 14.62
C HIS B 127 -18.18 -7.42 15.02
N ARG B 128 -19.31 -7.70 14.35
CA ARG B 128 -20.00 -8.98 14.48
C ARG B 128 -19.17 -10.03 13.79
N ILE B 129 -19.13 -11.24 14.30
CA ILE B 129 -18.47 -12.31 13.61
C ILE B 129 -19.48 -12.86 12.61
N ASP B 130 -19.08 -12.90 11.35
CA ASP B 130 -19.71 -13.76 10.32
C ASP B 130 -18.82 -14.91 9.91
N ASN B 131 -19.17 -15.73 8.92
CA ASN B 131 -18.37 -16.88 8.59
C ASN B 131 -17.04 -16.60 7.92
N GLY B 132 -16.91 -15.34 7.47
CA GLY B 132 -15.62 -14.96 6.86
C GLY B 132 -14.61 -14.49 7.89
N ILE B 133 -13.39 -14.29 7.39
CA ILE B 133 -12.30 -13.80 8.26
C ILE B 133 -12.32 -12.26 8.34
N ASP B 134 -12.79 -11.72 9.45
CA ASP B 134 -12.79 -10.30 9.74
C ASP B 134 -13.69 -9.50 8.81
N THR B 135 -14.72 -10.21 8.32
CA THR B 135 -15.63 -9.69 7.28
C THR B 135 -16.94 -9.12 7.79
N GLY B 136 -17.28 -9.41 9.05
CA GLY B 136 -18.57 -9.03 9.56
C GLY B 136 -18.83 -7.57 9.81
N ASN B 137 -20.07 -7.21 10.10
CA ASN B 137 -20.44 -5.82 10.13
C ASN B 137 -19.76 -5.05 11.28
N ILE B 138 -19.32 -3.82 11.02
CA ILE B 138 -18.55 -3.04 11.98
C ILE B 138 -19.50 -2.32 12.92
N ILE B 139 -19.22 -2.49 14.21
CA ILE B 139 -19.91 -1.80 15.29
C ILE B 139 -19.22 -0.50 15.72
N ASP B 140 -17.90 -0.54 15.90
CA ASP B 140 -17.17 0.64 16.31
C ASP B 140 -15.71 0.48 15.83
N GLN B 141 -15.04 1.62 15.69
CA GLN B 141 -13.64 1.60 15.25
C GLN B 141 -12.94 2.78 15.89
N HIS B 142 -11.69 2.58 16.29
CA HIS B 142 -10.81 3.66 16.73
C HIS B 142 -9.51 3.56 15.94
N CYS B 143 -9.22 4.62 15.19
CA CYS B 143 -7.96 4.71 14.42
C CYS B 143 -6.93 5.49 15.24
N PHE B 144 -5.64 5.17 15.09
CA PHE B 144 -4.59 5.87 15.83
C PHE B 144 -3.30 5.79 14.98
N PRO B 145 -2.34 6.69 15.25
CA PRO B 145 -1.13 6.72 14.44
C PRO B 145 -0.21 5.55 14.62
N ILE B 146 0.44 5.20 13.52
CA ILE B 146 1.68 4.45 13.61
C ILE B 146 2.82 5.47 13.54
N ASP B 147 3.44 5.74 14.69
CA ASP B 147 4.45 6.81 14.71
C ASP B 147 5.62 6.32 13.87
N ILE B 148 6.39 7.28 13.36
CA ILE B 148 7.34 6.95 12.32
C ILE B 148 8.37 5.92 12.74
N ASN B 149 8.77 5.89 14.01
CA ASN B 149 9.75 4.92 14.46
C ASN B 149 9.19 3.74 15.25
N ASP B 150 7.87 3.63 15.26
CA ASP B 150 7.27 2.48 15.96
C ASP B 150 7.64 1.15 15.31
N THR B 151 7.88 0.15 16.12
CA THR B 151 8.09 -1.20 15.62
C THR B 151 6.76 -2.01 15.59
N ALA B 152 6.82 -3.18 14.97
CA ALA B 152 5.66 -4.09 15.09
C ALA B 152 5.24 -4.33 16.55
N ARG B 153 6.21 -4.46 17.46
CA ARG B 153 5.91 -4.68 18.87
C ARG B 153 5.21 -3.47 19.45
N ASP B 154 5.69 -2.26 19.14
CA ASP B 154 5.05 -1.06 19.64
C ASP B 154 3.62 -0.97 19.13
N LEU B 155 3.40 -1.29 17.85
CA LEU B 155 2.03 -1.27 17.31
C LEU B 155 1.14 -2.32 18.03
N TYR B 156 1.65 -3.52 18.31
CA TYR B 156 0.85 -4.55 19.01
C TYR B 156 0.44 -4.02 20.37
N PHE B 157 1.37 -3.41 21.13
CA PHE B 157 0.93 -2.90 22.42
C PHE B 157 -0.12 -1.80 22.31
N ASN B 158 -0.07 -0.95 21.29
CA ASN B 158 -1.16 -0.01 21.03
C ASN B 158 -2.47 -0.75 20.67
N TYR B 159 -2.45 -1.80 19.86
CA TYR B 159 -3.70 -2.57 19.63
C TYR B 159 -4.25 -3.08 20.96
N LEU B 160 -3.39 -3.60 21.83
CA LEU B 160 -3.90 -4.13 23.11
C LEU B 160 -4.55 -2.99 23.91
N LYS B 161 -3.94 -1.82 23.95
CA LYS B 161 -4.47 -0.69 24.69
C LYS B 161 -5.77 -0.17 24.11
N TYR B 162 -5.77 0.10 22.82
CA TYR B 162 -6.98 0.67 22.21
C TYR B 162 -8.09 -0.38 22.09
N GLY B 163 -7.70 -1.64 21.93
CA GLY B 163 -8.68 -2.74 21.91
C GLY B 163 -9.35 -2.88 23.26
N GLU B 164 -8.57 -2.85 24.34
CA GLU B 164 -9.21 -2.96 25.66
C GLU B 164 -10.17 -1.78 25.83
N SER B 165 -9.79 -0.59 25.37
CA SER B 165 -10.59 0.61 25.52
C SER B 165 -11.87 0.50 24.72
N ILE B 166 -11.80 0.01 23.48
CA ILE B 166 -13.03 -0.09 22.65
C ILE B 166 -13.98 -1.14 23.22
N PHE B 167 -13.45 -2.16 23.88
CA PHE B 167 -14.27 -3.16 24.57
C PHE B 167 -15.08 -2.47 25.67
N LYS B 168 -14.39 -1.69 26.50
CA LYS B 168 -15.07 -1.11 27.68
C LYS B 168 -16.11 -0.12 27.16
N LYS B 169 -15.78 0.62 26.10
CA LYS B 169 -16.67 1.60 25.49
C LYS B 169 -17.99 1.04 24.97
N ASN B 170 -18.01 -0.20 24.51
CA ASN B 170 -19.12 -0.78 23.75
C ASN B 170 -19.89 -1.90 24.48
N ILE B 171 -19.36 -2.39 25.61
CA ILE B 171 -19.87 -3.63 26.19
C ILE B 171 -21.28 -3.44 26.75
N GLN B 172 -21.59 -2.26 27.25
CA GLN B 172 -22.96 -1.99 27.75
C GLN B 172 -23.99 -2.24 26.64
N THR B 173 -23.72 -1.72 25.43
CA THR B 173 -24.67 -1.87 24.32
C THR B 173 -24.71 -3.26 23.76
N ILE B 174 -23.65 -4.04 23.90
CA ILE B 174 -23.67 -5.45 23.53
CA ILE B 174 -23.72 -5.44 23.51
C ILE B 174 -24.57 -6.21 24.52
N ILE B 175 -24.41 -5.89 25.80
CA ILE B 175 -25.15 -6.61 26.82
C ILE B 175 -26.66 -6.28 26.69
N ASN B 176 -26.98 -5.01 26.47
CA ASN B 176 -28.33 -4.50 26.19
C ASN B 176 -28.90 -5.00 24.85
N ASN B 177 -28.03 -5.44 23.95
CA ASN B 177 -28.37 -5.69 22.56
C ASN B 177 -28.93 -4.47 21.82
N SER B 178 -28.40 -3.29 22.10
CA SER B 178 -28.86 -2.05 21.48
C SER B 178 -27.86 -1.44 20.49
N TYR B 179 -26.82 -2.19 20.17
CA TYR B 179 -25.69 -1.66 19.40
C TYR B 179 -26.16 -1.55 17.95
N LYS B 180 -25.49 -0.68 17.20
CA LYS B 180 -25.74 -0.50 15.77
C LYS B 180 -24.50 -0.91 14.98
N ASP B 181 -24.71 -1.49 13.80
CA ASP B 181 -23.59 -1.90 12.94
C ASP B 181 -23.78 -1.46 11.48
N LEU B 182 -22.72 -1.58 10.68
CA LEU B 182 -22.79 -1.26 9.24
C LEU B 182 -21.98 -2.29 8.47
N LYS B 183 -22.48 -2.75 7.32
CA LYS B 183 -21.71 -3.70 6.53
C LYS B 183 -20.39 -3.06 6.03
N GLN B 184 -19.38 -3.90 5.88
CA GLN B 184 -18.11 -3.46 5.31
C GLN B 184 -18.20 -3.21 3.80
N THR B 185 -17.45 -2.21 3.33
CA THR B 185 -17.25 -1.89 1.90
CA THR B 185 -17.35 -1.97 1.89
C THR B 185 -16.46 -2.96 1.15
N ASN B 186 -16.67 -3.17 -0.16
CA ASN B 186 -15.72 -3.92 -0.96
C ASN B 186 -14.41 -3.12 -1.19
N ILE B 187 -14.52 -1.79 -1.31
CA ILE B 187 -13.41 -0.89 -1.64
CA ILE B 187 -13.33 -1.05 -1.69
C ILE B 187 -12.46 -0.88 -0.44
N ASN B 188 -11.15 -0.84 -0.67
CA ASN B 188 -10.14 -0.72 0.41
C ASN B 188 -9.96 -2.01 1.19
N SER B 189 -10.75 -3.04 0.93
CA SER B 189 -10.63 -4.28 1.68
C SER B 189 -9.32 -4.99 1.29
N SER B 190 -8.54 -5.39 2.30
CA SER B 190 -7.34 -6.14 2.05
C SER B 190 -7.14 -7.25 3.08
N TYR B 191 -6.31 -8.23 2.75
CA TYR B 191 -6.22 -9.45 3.56
C TYR B 191 -4.84 -10.06 3.36
N PHE B 192 -4.26 -10.51 4.48
CA PHE B 192 -3.00 -11.22 4.49
C PHE B 192 -3.08 -12.51 5.30
N SER B 193 -2.61 -13.57 4.68
CA SER B 193 -2.57 -14.87 5.37
C SER B 193 -1.16 -15.18 5.80
N ARG B 194 -0.96 -16.22 6.60
CA ARG B 194 0.41 -16.57 7.04
C ARG B 194 1.40 -16.73 5.88
N LYS B 195 0.95 -17.34 4.78
CA LYS B 195 1.79 -17.57 3.64
C LYS B 195 2.25 -16.27 2.98
N ASP B 196 1.55 -15.16 3.17
CA ASP B 196 1.94 -13.95 2.48
C ASP B 196 3.12 -13.27 3.18
N ILE B 197 3.49 -13.72 4.37
CA ILE B 197 4.52 -12.97 5.11
C ILE B 197 5.64 -13.96 5.40
N ASN B 198 6.83 -13.71 4.85
CA ASN B 198 8.00 -14.46 5.28
C ASN B 198 8.61 -13.86 6.54
N LEU B 199 8.52 -14.58 7.65
CA LEU B 199 8.94 -14.02 8.93
C LEU B 199 10.44 -13.79 9.06
N VAL B 200 11.25 -14.36 8.15
CA VAL B 200 12.67 -14.07 8.05
C VAL B 200 12.77 -13.16 6.85
N HIS B 201 12.69 -11.86 7.15
CA HIS B 201 12.58 -10.88 6.07
C HIS B 201 13.98 -10.56 5.51
N LYS B 202 14.08 -10.62 4.18
CA LYS B 202 15.25 -10.14 3.41
C LYS B 202 14.92 -8.75 2.84
N ILE B 203 15.71 -7.77 3.26
CA ILE B 203 15.41 -6.38 2.89
C ILE B 203 15.76 -6.12 1.44
N ASN B 204 14.86 -5.42 0.74
CA ASN B 204 15.12 -4.93 -0.62
C ASN B 204 15.60 -3.51 -0.38
N PHE B 205 16.89 -3.28 -0.64
CA PHE B 205 17.55 -1.98 -0.52
C PHE B 205 17.34 -1.04 -1.70
N LYS B 206 16.87 -1.56 -2.82
CA LYS B 206 16.57 -0.72 -4.00
C LYS B 206 15.16 -0.16 -3.82
N LYS B 207 15.00 0.65 -2.77
CA LYS B 207 13.73 1.14 -2.26
C LYS B 207 13.98 2.49 -1.65
N THR B 208 12.97 3.25 -1.32
CA THR B 208 13.15 4.54 -0.64
C THR B 208 13.61 4.33 0.80
N SER B 209 14.14 5.36 1.44
CA SER B 209 14.50 5.18 2.84
C SER B 209 13.27 4.84 3.67
N PHE B 210 12.16 5.50 3.43
CA PHE B 210 10.89 5.14 4.13
C PHE B 210 10.57 3.65 3.99
N GLU B 211 10.67 3.09 2.79
CA GLU B 211 10.38 1.67 2.59
C GLU B 211 11.41 0.79 3.24
N ILE B 212 12.71 1.11 3.20
CA ILE B 212 13.71 0.28 3.89
C ILE B 212 13.47 0.28 5.41
N HIS B 213 13.24 1.46 5.95
CA HIS B 213 12.93 1.61 7.37
C HIS B 213 11.66 0.82 7.76
N ASN B 214 10.62 0.88 6.91
CA ASN B 214 9.37 0.13 7.22
C ASN B 214 9.64 -1.34 7.13
N GLN B 215 10.45 -1.82 6.21
CA GLN B 215 10.80 -3.21 6.12
C GLN B 215 11.51 -3.69 7.37
N ILE B 216 12.39 -2.89 7.91
CA ILE B 216 13.12 -3.27 9.14
C ILE B 216 12.14 -3.27 10.32
N ARG B 217 11.44 -2.17 10.57
CA ARG B 217 10.69 -2.03 11.82
C ARG B 217 9.43 -2.95 11.83
N ALA B 218 8.90 -3.31 10.66
CA ALA B 218 7.76 -4.22 10.62
C ALA B 218 8.10 -5.57 11.21
N PHE B 219 9.38 -5.94 11.29
CA PHE B 219 9.75 -7.28 11.78
C PHE B 219 10.41 -7.25 13.15
N ILE B 220 10.44 -6.07 13.76
CA ILE B 220 11.02 -5.95 15.09
C ILE B 220 9.94 -6.29 16.10
N PHE B 221 10.06 -7.52 16.60
CA PHE B 221 9.14 -7.96 17.66
C PHE B 221 9.88 -9.07 18.41
N GLN B 222 10.69 -8.67 19.38
CA GLN B 222 11.80 -9.50 19.83
C GLN B 222 11.36 -10.86 20.43
N GLU B 223 10.19 -10.95 21.06
CA GLU B 223 9.69 -12.25 21.54
C GLU B 223 9.55 -13.31 20.43
N TYR B 224 9.46 -12.87 19.18
CA TYR B 224 9.34 -13.73 18.02
C TYR B 224 10.61 -13.70 17.19
N GLN B 225 10.95 -12.50 16.69
CA GLN B 225 12.11 -12.32 15.84
C GLN B 225 12.54 -10.86 15.77
N LEU B 226 13.78 -10.76 15.25
CA LEU B 226 14.35 -9.46 14.84
C LEU B 226 14.92 -9.61 13.44
N PRO B 227 14.83 -8.56 12.63
CA PRO B 227 15.44 -8.59 11.30
C PRO B 227 16.95 -8.59 11.42
N ILE B 228 17.60 -9.22 10.44
CA ILE B 228 19.05 -9.40 10.44
C ILE B 228 19.66 -8.68 9.24
N ILE B 229 20.66 -7.84 9.50
CA ILE B 229 21.40 -7.15 8.42
C ILE B 229 22.86 -7.53 8.61
N ASN B 230 23.52 -8.03 7.57
CA ASN B 230 24.93 -8.44 7.67
C ASN B 230 25.18 -9.24 8.96
N ASN B 231 24.34 -10.23 9.16
CA ASN B 231 24.51 -11.14 10.30
C ASN B 231 24.48 -10.43 11.64
N SER B 232 23.72 -9.34 11.75
CA SER B 232 23.49 -8.69 13.03
C SER B 232 21.99 -8.52 13.22
N LYS B 233 21.47 -8.88 14.38
CA LYS B 233 20.07 -8.59 14.72
C LYS B 233 19.86 -7.11 14.97
N ILE B 234 18.74 -6.56 14.49
CA ILE B 234 18.40 -5.15 14.62
C ILE B 234 17.26 -4.94 15.61
N ILE B 235 17.45 -4.06 16.57
CA ILE B 235 16.43 -3.81 17.61
C ILE B 235 15.66 -2.52 17.41
N LYS B 236 16.13 -1.56 16.58
CA LYS B 236 15.41 -0.31 16.39
C LYS B 236 15.85 0.29 15.08
N SER B 237 14.92 0.94 14.38
CA SER B 237 15.28 1.75 13.21
C SER B 237 14.75 3.16 13.42
N ILE B 238 15.57 4.16 13.05
CA ILE B 238 15.20 5.56 13.22
C ILE B 238 15.36 6.26 11.87
N LEU B 239 14.25 6.84 11.39
CA LEU B 239 14.22 7.49 10.07
C LEU B 239 14.22 9.00 10.27
N ALA B 240 15.19 9.69 9.63
CA ALA B 240 15.26 11.15 9.70
C ALA B 240 14.97 11.78 8.34
N ASN B 241 14.65 13.07 8.37
CA ASN B 241 14.49 13.99 7.24
CA ASN B 241 14.49 13.77 7.09
C ASN B 241 15.80 14.40 6.57
N GLU B 242 16.94 13.96 7.09
CA GLU B 242 18.24 14.52 6.69
C GLU B 242 18.65 13.75 5.43
N PHE B 243 18.96 14.50 4.37
CA PHE B 243 19.54 13.90 3.16
C PHE B 243 21.03 13.58 3.31
N ILE B 244 21.52 12.38 3.09
CA ILE B 244 22.91 12.00 3.26
C ILE B 244 23.52 11.40 1.99
N GLY B 245 22.84 11.56 0.86
CA GLY B 245 23.26 10.89 -0.34
C GLY B 245 22.43 9.67 -0.65
N TYR B 246 22.31 9.32 -1.92
CA TYR B 246 21.53 8.11 -2.34
C TYR B 246 22.26 6.82 -2.02
N ASN B 247 21.54 5.80 -1.56
CA ASN B 247 22.04 4.46 -1.50
C ASN B 247 23.27 4.29 -0.59
N VAL B 248 23.21 4.96 0.55
CA VAL B 248 24.27 4.76 1.57
C VAL B 248 24.10 3.47 2.31
N PHE B 249 25.17 2.74 2.54
CA PHE B 249 25.16 1.55 3.41
C PHE B 249 26.50 1.37 4.12
N GLU B 250 26.53 1.55 5.44
CA GLU B 250 27.79 1.41 6.18
C GLU B 250 27.52 0.72 7.53
N GLU B 251 28.31 -0.32 7.80
CA GLU B 251 28.27 -1.07 9.08
C GLU B 251 29.23 -0.53 10.13
N PHE B 252 28.71 -0.23 11.33
CA PHE B 252 29.56 0.12 12.47
C PHE B 252 29.33 -0.89 13.57
N GLU B 253 30.07 -0.73 14.67
CA GLU B 253 30.01 -1.70 15.75
C GLU B 253 28.61 -1.87 16.33
N ASN B 254 27.95 -0.72 16.46
CA ASN B 254 26.65 -0.68 17.17
C ASN B 254 25.43 -0.38 16.29
N TYR B 255 25.62 -0.07 15.01
CA TYR B 255 24.50 0.34 14.16
C TYR B 255 24.94 0.31 12.72
N PHE B 256 23.97 0.40 11.81
CA PHE B 256 24.19 0.72 10.41
C PHE B 256 23.64 2.09 10.13
N ILE B 257 24.34 2.80 9.20
CA ILE B 257 23.76 3.97 8.57
C ILE B 257 23.38 3.61 7.12
N ILE B 258 22.11 3.91 6.80
CA ILE B 258 21.54 3.44 5.53
C ILE B 258 20.74 4.56 4.94
N SER B 259 20.76 4.64 3.60
CA SER B 259 19.72 5.42 2.88
C SER B 259 19.38 4.66 1.62
N GLY B 260 18.14 4.95 1.19
CA GLY B 260 17.60 4.31 -0.03
C GLY B 260 17.73 5.25 -1.22
N ILE B 261 16.87 5.04 -2.21
CA ILE B 261 17.02 5.71 -3.49
C ILE B 261 16.72 7.20 -3.40
N ASP B 262 16.11 7.66 -2.33
CA ASP B 262 15.84 9.07 -2.08
C ASP B 262 16.78 9.73 -1.04
N GLY B 263 17.66 8.91 -0.46
CA GLY B 263 18.79 9.54 0.24
C GLY B 263 18.53 9.93 1.67
N PHE B 264 17.42 9.60 2.34
CA PHE B 264 17.20 10.02 3.72
C PHE B 264 17.83 9.07 4.73
N LYS B 265 18.38 9.67 5.80
CA LYS B 265 19.13 8.92 6.81
C LYS B 265 18.29 7.96 7.69
N ILE B 266 18.77 6.73 7.68
CA ILE B 266 18.28 5.69 8.59
C ILE B 266 19.45 5.29 9.49
N ILE B 267 19.12 5.18 10.78
CA ILE B 267 20.04 4.53 11.74
C ILE B 267 19.38 3.20 12.18
N ALA B 268 20.02 2.08 11.86
CA ALA B 268 19.51 0.79 12.30
C ALA B 268 20.41 0.33 13.46
N GLN B 269 19.85 0.28 14.67
CA GLN B 269 20.63 -0.07 15.84
CA GLN B 269 20.60 -0.08 15.89
CA GLN B 269 20.58 -0.09 15.89
C GLN B 269 20.73 -1.58 16.04
N LYS B 270 21.95 -2.08 16.25
CA LYS B 270 22.16 -3.50 16.52
C LYS B 270 21.72 -3.84 17.96
N LEU B 271 21.18 -5.05 18.09
CA LEU B 271 20.84 -5.58 19.43
C LEU B 271 22.04 -5.60 20.39
N ASN B 272 23.23 -5.73 19.85
CA ASN B 272 24.41 -5.95 20.72
C ASN B 272 24.85 -4.66 21.38
N LYS B 273 24.28 -3.52 20.98
CA LYS B 273 24.71 -2.29 21.57
C LYS B 273 24.43 -2.34 23.08
N LEU B 274 25.38 -1.93 23.90
CA LEU B 274 25.11 -1.90 25.34
C LEU B 274 23.95 -1.00 25.77
#